data_8A8X
#
_entry.id   8A8X
#
_cell.length_a   51.252
_cell.length_b   53.668
_cell.length_c   73.595
_cell.angle_alpha   90.000
_cell.angle_beta   105.550
_cell.angle_gamma   90.000
#
_symmetry.space_group_name_H-M   'P 1 21 1'
#
loop_
_entity.id
_entity.type
_entity.pdbx_description
1 polymer 'E3 ubiquitin-protein ligase TRIM7'
2 polymer 'MNV1-NS3 C term peptide'
3 water water
#
loop_
_entity_poly.entity_id
_entity_poly.type
_entity_poly.pdbx_seq_one_letter_code
_entity_poly.pdbx_strand_id
1 'polypeptide(L)'
;MAHHHHHHMVELTLDPDTANPRLILSLDLKGVRLGERAQDLPNHPCRFDTNTRVLASCGFSSGRHHWEVEVGSKDGWAFG
VARESVRRKGLTPFTPEEGVWALQLNGGQYWAVTSPERSPLSCGHLSRVRVALDLEVGAVSFYAVEDMRHLYTFRVNFQE
RVFPLFSVCSTGTYLRIWP
;
A,C
2 'polypeptide(L)' HDDFGLQ B,D
#
# COMPACT_ATOMS: atom_id res chain seq x y z
N HIS A 7 -13.53 -4.81 -17.52
CA HIS A 7 -12.10 -4.37 -17.44
C HIS A 7 -11.70 -4.14 -15.98
N HIS A 8 -10.80 -4.97 -15.47
CA HIS A 8 -10.31 -5.04 -14.06
C HIS A 8 -9.31 -3.90 -13.82
N MET A 9 -9.75 -2.82 -13.18
CA MET A 9 -8.93 -1.62 -12.83
C MET A 9 -8.81 -1.53 -11.31
N VAL A 10 -7.74 -0.96 -10.78
CA VAL A 10 -7.64 -0.74 -9.29
C VAL A 10 -8.52 0.43 -8.86
N GLU A 11 -9.08 0.32 -7.64
CA GLU A 11 -9.83 1.39 -6.92
C GLU A 11 -8.79 2.24 -6.18
N LEU A 12 -8.67 3.51 -6.56
CA LEU A 12 -7.72 4.47 -5.98
C LEU A 12 -8.53 5.56 -5.27
N THR A 13 -8.00 6.04 -4.14
CA THR A 13 -8.46 7.23 -3.40
C THR A 13 -7.25 8.14 -3.15
N LEU A 14 -7.42 9.43 -3.36
CA LEU A 14 -6.41 10.46 -3.04
C LEU A 14 -6.08 10.36 -1.54
N ASP A 15 -4.81 10.56 -1.18
CA ASP A 15 -4.27 10.47 0.20
C ASP A 15 -4.18 11.88 0.75
N PRO A 16 -5.14 12.28 1.62
CA PRO A 16 -5.17 13.63 2.17
C PRO A 16 -3.87 14.01 2.90
N ASP A 17 -3.11 13.03 3.44
CA ASP A 17 -1.86 13.35 4.16
C ASP A 17 -0.81 13.86 3.18
N THR A 18 -0.95 13.57 1.87
CA THR A 18 0.04 13.98 0.85
C THR A 18 -0.34 15.32 0.23
N ALA A 19 -1.64 15.65 0.19
CA ALA A 19 -2.20 16.77 -0.58
C ALA A 19 -1.61 18.09 -0.11
N ASN A 20 -1.08 18.86 -1.06
CA ASN A 20 -0.82 20.30 -0.88
C ASN A 20 -2.06 20.94 -0.24
N PRO A 21 -1.85 21.84 0.75
CA PRO A 21 -2.93 22.49 1.49
C PRO A 21 -3.93 23.28 0.66
N ARG A 22 -3.54 23.75 -0.52
CA ARG A 22 -4.42 24.54 -1.41
C ARG A 22 -5.25 23.59 -2.29
N LEU A 23 -4.93 22.30 -2.33
CA LEU A 23 -5.73 21.38 -3.18
C LEU A 23 -7.07 21.13 -2.47
N ILE A 24 -8.14 21.03 -3.24
CA ILE A 24 -9.50 20.67 -2.77
C ILE A 24 -9.78 19.25 -3.26
N LEU A 25 -9.82 18.28 -2.36
CA LEU A 25 -10.21 16.89 -2.72
C LEU A 25 -11.74 16.78 -2.56
N SER A 26 -12.38 15.99 -3.43
CA SER A 26 -13.82 15.62 -3.28
C SER A 26 -14.00 14.67 -2.08
N LEU A 27 -15.24 14.54 -1.59
CA LEU A 27 -15.57 13.67 -0.45
C LEU A 27 -15.27 12.20 -0.81
N ASP A 28 -15.46 11.78 -2.06
CA ASP A 28 -15.26 10.36 -2.46
C ASP A 28 -13.76 10.08 -2.71
N LEU A 29 -12.92 11.11 -2.54
CA LEU A 29 -11.45 11.06 -2.64
C LEU A 29 -11.06 10.66 -4.07
N LYS A 30 -11.88 11.02 -5.06
CA LYS A 30 -11.63 10.74 -6.51
C LYS A 30 -11.15 12.00 -7.23
N GLY A 31 -11.64 13.16 -6.82
CA GLY A 31 -11.50 14.41 -7.59
C GLY A 31 -10.54 15.36 -6.91
N VAL A 32 -9.82 16.15 -7.71
CA VAL A 32 -8.86 17.16 -7.19
C VAL A 32 -9.02 18.44 -8.02
N ARG A 33 -9.24 19.58 -7.34
CA ARG A 33 -9.13 20.96 -7.89
C ARG A 33 -8.07 21.71 -7.08
N LEU A 34 -7.60 22.84 -7.59
CA LEU A 34 -6.80 23.80 -6.81
C LEU A 34 -7.75 24.88 -6.27
N GLY A 35 -7.70 25.13 -4.95
CA GLY A 35 -8.38 26.24 -4.25
C GLY A 35 -7.60 27.54 -4.31
N GLU A 36 -8.19 28.66 -3.84
CA GLU A 36 -7.55 30.01 -3.77
C GLU A 36 -6.78 30.11 -2.45
N ARG A 37 -7.25 29.44 -1.40
CA ARG A 37 -6.61 29.58 -0.08
C ARG A 37 -6.14 28.19 0.38
N ALA A 38 -5.00 28.20 1.05
CA ALA A 38 -4.39 27.04 1.74
C ALA A 38 -5.28 26.70 2.93
N GLN A 39 -5.76 25.46 3.02
CA GLN A 39 -6.32 24.97 4.29
C GLN A 39 -5.22 25.05 5.35
N ASP A 40 -5.63 25.22 6.61
CA ASP A 40 -4.78 25.10 7.81
C ASP A 40 -4.73 23.61 8.18
N LEU A 41 -3.80 22.86 7.61
CA LEU A 41 -3.65 21.41 7.84
C LEU A 41 -2.38 21.20 8.65
N PRO A 42 -2.33 20.19 9.54
CA PRO A 42 -1.07 19.83 10.17
C PRO A 42 -0.10 19.26 9.12
N ASN A 43 1.13 19.76 9.10
CA ASN A 43 2.18 19.26 8.19
C ASN A 43 2.42 17.79 8.57
N HIS A 44 2.71 17.00 7.57
CA HIS A 44 2.96 15.56 7.66
C HIS A 44 4.22 15.38 6.80
N PRO A 45 5.19 14.51 7.18
CA PRO A 45 6.35 14.27 6.31
C PRO A 45 6.02 13.98 4.84
N CYS A 46 4.89 13.32 4.59
CA CYS A 46 4.40 12.97 3.22
C CYS A 46 3.80 14.16 2.49
N ARG A 47 3.32 15.20 3.16
CA ARG A 47 2.56 16.29 2.49
C ARG A 47 3.51 17.10 1.57
N PHE A 48 3.10 17.28 0.32
CA PHE A 48 3.70 18.24 -0.63
C PHE A 48 3.38 19.65 -0.15
N ASP A 49 4.35 20.33 0.45
CA ASP A 49 4.10 21.61 1.15
C ASP A 49 4.18 22.79 0.18
N THR A 50 4.71 22.61 -1.04
CA THR A 50 4.97 23.72 -1.99
C THR A 50 4.44 23.38 -3.39
N ASN A 51 4.79 22.23 -3.94
CA ASN A 51 4.25 21.78 -5.25
C ASN A 51 2.80 21.30 -5.05
N THR A 52 1.94 21.53 -6.05
CA THR A 52 0.46 21.42 -5.97
C THR A 52 0.04 20.00 -6.34
N ARG A 53 0.52 19.02 -5.58
CA ARG A 53 0.45 17.58 -5.89
C ARG A 53 -0.20 16.79 -4.75
N VAL A 54 -0.52 15.55 -5.09
CA VAL A 54 -1.24 14.59 -4.23
C VAL A 54 -1.11 13.24 -4.91
N LEU A 55 -0.82 12.20 -4.13
CA LEU A 55 -0.78 10.79 -4.59
C LEU A 55 -2.05 10.06 -4.14
N ALA A 56 -2.40 8.96 -4.80
CA ALA A 56 -3.33 7.95 -4.25
C ALA A 56 -2.66 7.36 -3.01
N SER A 57 -3.43 6.82 -2.07
CA SER A 57 -2.91 6.20 -0.83
C SER A 57 -2.24 4.87 -1.18
N CYS A 58 -2.59 4.27 -2.32
CA CYS A 58 -1.95 3.02 -2.80
C CYS A 58 -0.64 3.30 -3.55
N GLY A 59 0.48 2.79 -2.99
CA GLY A 59 1.77 2.53 -3.68
C GLY A 59 1.90 1.10 -4.21
N PHE A 60 2.66 0.92 -5.31
CA PHE A 60 2.84 -0.39 -6.00
C PHE A 60 4.30 -0.85 -5.96
N SER A 61 4.46 -2.13 -5.61
CA SER A 61 5.70 -2.92 -5.41
C SER A 61 5.90 -3.89 -6.57
N SER A 62 4.85 -4.38 -7.23
CA SER A 62 4.93 -5.41 -8.32
C SER A 62 3.66 -5.44 -9.18
N GLY A 63 3.74 -6.06 -10.36
CA GLY A 63 2.60 -6.47 -11.20
C GLY A 63 2.16 -5.37 -12.17
N ARG A 64 1.02 -5.58 -12.82
CA ARG A 64 0.38 -4.68 -13.82
C ARG A 64 -0.96 -4.13 -13.28
N HIS A 65 -1.13 -2.80 -13.25
CA HIS A 65 -2.33 -2.10 -12.71
C HIS A 65 -2.79 -0.99 -13.65
N HIS A 66 -4.10 -0.93 -13.89
CA HIS A 66 -4.76 0.03 -14.79
C HIS A 66 -5.67 0.94 -13.98
N TRP A 67 -5.82 2.19 -14.43
CA TRP A 67 -6.88 3.09 -13.91
C TRP A 67 -7.06 4.17 -14.95
N GLU A 68 -8.07 5.00 -14.77
CA GLU A 68 -8.42 6.06 -15.76
C GLU A 68 -8.46 7.39 -15.01
N VAL A 69 -8.15 8.46 -15.74
CA VAL A 69 -8.15 9.84 -15.21
C VAL A 69 -8.93 10.70 -16.21
N GLU A 70 -10.03 11.27 -15.74
CA GLU A 70 -10.82 12.29 -16.46
C GLU A 70 -10.05 13.59 -16.26
N VAL A 71 -10.11 14.51 -17.22
CA VAL A 71 -9.23 15.69 -17.21
C VAL A 71 -10.04 16.89 -17.70
N GLY A 72 -9.87 18.05 -17.06
CA GLY A 72 -10.49 19.30 -17.49
C GLY A 72 -9.98 19.73 -18.84
N SER A 73 -10.72 20.60 -19.52
CA SER A 73 -10.25 21.18 -20.80
C SER A 73 -9.40 22.45 -20.57
N LYS A 74 -9.38 23.05 -19.40
CA LYS A 74 -8.53 24.25 -19.18
C LYS A 74 -7.17 23.83 -18.63
N ASP A 75 -6.13 24.61 -18.94
CA ASP A 75 -4.71 24.34 -18.57
C ASP A 75 -4.62 24.15 -17.06
N GLY A 76 -3.62 23.40 -16.59
CA GLY A 76 -3.28 23.41 -15.16
C GLY A 76 -2.94 22.06 -14.58
N TRP A 77 -3.24 20.97 -15.27
CA TRP A 77 -3.14 19.64 -14.64
C TRP A 77 -1.93 18.91 -15.20
N ALA A 78 -1.44 17.98 -14.39
CA ALA A 78 -0.44 16.95 -14.71
C ALA A 78 -0.78 15.72 -13.87
N PHE A 79 -0.66 14.54 -14.46
CA PHE A 79 -0.92 13.26 -13.75
C PHE A 79 -0.09 12.14 -14.38
N GLY A 80 0.11 11.11 -13.57
CA GLY A 80 0.95 9.95 -13.89
C GLY A 80 1.24 9.13 -12.65
N VAL A 81 2.51 8.79 -12.47
CA VAL A 81 3.05 7.99 -11.35
C VAL A 81 4.28 8.74 -10.80
N ALA A 82 4.64 8.43 -9.56
CA ALA A 82 5.86 8.94 -8.93
C ALA A 82 6.51 7.85 -8.08
N ARG A 83 7.84 7.80 -8.05
CA ARG A 83 8.53 6.90 -7.11
C ARG A 83 8.21 7.40 -5.71
N GLU A 84 8.21 6.48 -4.75
CA GLU A 84 7.85 6.79 -3.35
C GLU A 84 8.75 7.90 -2.81
N SER A 85 10.07 7.87 -3.09
CA SER A 85 11.05 8.88 -2.62
C SER A 85 10.83 10.24 -3.29
N VAL A 86 9.84 10.42 -4.15
CA VAL A 86 9.59 11.77 -4.70
C VAL A 86 9.57 12.76 -3.52
N ARG A 87 10.28 13.87 -3.66
CA ARG A 87 10.48 14.86 -2.57
C ARG A 87 9.20 15.70 -2.38
N ARG A 88 8.80 15.91 -1.13
CA ARG A 88 7.58 16.66 -0.71
C ARG A 88 7.91 18.11 -0.31
N LYS A 89 9.12 18.37 0.21
CA LYS A 89 9.43 19.59 1.02
C LYS A 89 10.13 20.62 0.14
N GLY A 90 9.60 21.83 0.08
CA GLY A 90 10.14 22.93 -0.74
C GLY A 90 9.78 22.75 -2.19
N LEU A 91 10.10 23.77 -2.99
CA LEU A 91 9.98 23.77 -4.46
C LEU A 91 10.92 22.71 -5.02
N THR A 92 10.36 21.73 -5.75
CA THR A 92 11.11 20.62 -6.39
C THR A 92 10.79 20.62 -7.88
N PRO A 93 11.78 20.31 -8.76
CA PRO A 93 11.50 20.18 -10.18
C PRO A 93 10.45 19.07 -10.45
N PHE A 94 9.61 19.29 -11.48
CA PHE A 94 8.64 18.29 -12.00
C PHE A 94 9.27 17.61 -13.21
N THR A 95 10.04 16.54 -13.00
CA THR A 95 10.91 15.94 -14.06
C THR A 95 11.19 14.47 -13.74
N PRO A 96 11.42 13.63 -14.78
CA PRO A 96 11.75 12.22 -14.56
C PRO A 96 12.90 12.00 -13.56
N GLU A 97 13.90 12.89 -13.58
CA GLU A 97 15.06 12.80 -12.65
C GLU A 97 14.56 12.71 -11.22
N GLU A 98 13.48 13.42 -10.91
CA GLU A 98 12.92 13.63 -9.54
C GLU A 98 11.82 12.58 -9.21
N GLY A 99 11.56 11.61 -10.09
CA GLY A 99 10.71 10.45 -9.75
C GLY A 99 9.27 10.65 -10.20
N VAL A 100 9.10 11.39 -11.29
CA VAL A 100 7.82 11.99 -11.78
C VAL A 100 7.75 11.73 -13.28
N TRP A 101 6.79 10.88 -13.68
CA TRP A 101 6.51 10.47 -15.07
C TRP A 101 5.06 10.81 -15.35
N ALA A 102 4.81 11.92 -16.04
CA ALA A 102 3.47 12.49 -16.18
C ALA A 102 3.21 12.98 -17.60
N LEU A 103 1.94 13.15 -17.91
CA LEU A 103 1.43 13.96 -19.03
C LEU A 103 0.94 15.27 -18.41
N GLN A 104 0.72 16.30 -19.22
CA GLN A 104 0.43 17.67 -18.73
C GLN A 104 -0.33 18.49 -19.79
N LEU A 105 -1.33 19.24 -19.34
CA LEU A 105 -2.01 20.23 -20.22
C LEU A 105 -1.56 21.61 -19.76
N ASN A 106 -0.90 22.34 -20.67
CA ASN A 106 -0.26 23.63 -20.34
C ASN A 106 -0.07 24.50 -21.59
N GLY A 107 -0.56 25.74 -21.51
CA GLY A 107 -0.53 26.72 -22.62
C GLY A 107 -1.26 26.15 -23.82
N GLY A 108 -2.40 25.49 -23.57
CA GLY A 108 -3.31 25.00 -24.61
C GLY A 108 -2.76 23.80 -25.31
N GLN A 109 -1.67 23.22 -24.79
CA GLN A 109 -0.91 22.11 -25.42
C GLN A 109 -0.79 20.91 -24.46
N TYR A 110 -0.98 19.70 -24.96
CA TYR A 110 -0.64 18.42 -24.27
C TYR A 110 0.87 18.14 -24.37
N TRP A 111 1.51 17.78 -23.25
CA TRP A 111 2.95 17.43 -23.15
C TRP A 111 3.08 16.10 -22.42
N ALA A 112 4.04 15.28 -22.83
CA ALA A 112 4.79 14.37 -21.94
C ALA A 112 5.89 15.19 -21.27
N VAL A 113 6.08 15.00 -19.97
CA VAL A 113 7.04 15.84 -19.19
C VAL A 113 8.40 15.14 -19.20
N THR A 114 9.04 15.22 -20.36
CA THR A 114 10.46 14.83 -20.51
C THR A 114 11.28 15.98 -19.93
N SER A 115 12.55 15.75 -19.66
CA SER A 115 13.57 16.79 -19.35
C SER A 115 14.73 16.68 -20.34
N PRO A 116 15.47 17.78 -20.62
CA PRO A 116 15.19 19.10 -20.06
C PRO A 116 14.04 19.85 -20.75
N GLU A 117 13.63 19.35 -21.92
CA GLU A 117 12.50 19.89 -22.73
C GLU A 117 11.31 18.94 -22.63
N ARG A 118 10.10 19.47 -22.48
CA ARG A 118 8.84 18.69 -22.54
C ARG A 118 8.60 18.26 -24.00
N SER A 119 7.94 17.11 -24.21
CA SER A 119 7.67 16.54 -25.56
C SER A 119 6.22 16.84 -25.95
N PRO A 120 5.99 17.73 -26.93
CA PRO A 120 4.62 18.06 -27.34
C PRO A 120 3.99 16.78 -27.91
N LEU A 121 2.73 16.50 -27.52
CA LEU A 121 1.93 15.37 -28.05
C LEU A 121 0.96 15.94 -29.10
N SER A 122 0.71 15.19 -30.15
CA SER A 122 -0.25 15.59 -31.21
C SER A 122 -1.38 14.59 -31.12
N CYS A 123 -2.22 14.73 -30.11
CA CYS A 123 -3.22 13.70 -29.76
C CYS A 123 -4.64 14.22 -29.97
N GLY A 124 -4.84 15.52 -30.18
CA GLY A 124 -6.19 16.12 -30.18
C GLY A 124 -6.80 16.15 -28.78
N HIS A 125 -8.03 16.60 -28.63
CA HIS A 125 -8.68 16.84 -27.32
C HIS A 125 -8.75 15.54 -26.48
N LEU A 126 -8.44 15.63 -25.19
CA LEU A 126 -8.58 14.52 -24.21
C LEU A 126 -9.70 14.83 -23.18
N SER A 127 -10.49 13.81 -22.84
CA SER A 127 -11.50 13.89 -21.77
CA SER A 127 -11.53 13.86 -21.78
C SER A 127 -11.13 12.89 -20.66
N ARG A 128 -10.59 11.75 -21.07
CA ARG A 128 -10.28 10.62 -20.16
C ARG A 128 -9.13 9.79 -20.77
N VAL A 129 -8.22 9.36 -19.90
CA VAL A 129 -6.94 8.67 -20.23
C VAL A 129 -6.87 7.41 -19.38
N ARG A 130 -6.53 6.27 -19.99
CA ARG A 130 -6.17 5.02 -19.26
C ARG A 130 -4.66 5.01 -19.02
N VAL A 131 -4.28 4.82 -17.76
CA VAL A 131 -2.87 4.59 -17.33
C VAL A 131 -2.72 3.09 -17.11
N ALA A 132 -1.66 2.49 -17.69
CA ALA A 132 -1.22 1.09 -17.51
C ALA A 132 0.16 1.13 -16.88
N LEU A 133 0.26 0.70 -15.62
CA LEU A 133 1.56 0.63 -14.90
C LEU A 133 2.04 -0.82 -14.90
N ASP A 134 3.17 -1.08 -15.57
CA ASP A 134 3.77 -2.43 -15.61
C ASP A 134 5.12 -2.43 -14.88
N LEU A 135 5.13 -2.97 -13.67
CA LEU A 135 6.33 -3.08 -12.81
C LEU A 135 7.13 -4.34 -13.16
N GLU A 136 6.57 -5.23 -13.97
CA GLU A 136 7.24 -6.49 -14.36
C GLU A 136 8.20 -6.17 -15.51
N VAL A 137 7.79 -5.37 -16.47
CA VAL A 137 8.61 -4.96 -17.64
C VAL A 137 9.30 -3.62 -17.33
N GLY A 138 8.67 -2.76 -16.54
CA GLY A 138 9.18 -1.42 -16.20
C GLY A 138 8.70 -0.35 -17.18
N ALA A 139 7.38 -0.16 -17.28
CA ALA A 139 6.72 0.82 -18.21
C ALA A 139 5.49 1.43 -17.54
N VAL A 140 5.21 2.65 -17.94
CA VAL A 140 3.90 3.29 -17.69
C VAL A 140 3.45 3.94 -19.00
N SER A 141 2.28 3.50 -19.52
CA SER A 141 1.71 4.01 -20.78
C SER A 141 0.38 4.71 -20.51
N PHE A 142 0.04 5.64 -21.39
CA PHE A 142 -1.14 6.51 -21.34
C PHE A 142 -1.93 6.31 -22.62
N TYR A 143 -3.26 6.20 -22.56
CA TYR A 143 -4.09 5.95 -23.75
C TYR A 143 -5.32 6.86 -23.61
N ALA A 144 -5.76 7.46 -24.72
CA ALA A 144 -7.04 8.19 -24.82
C ALA A 144 -8.15 7.16 -24.98
N VAL A 145 -9.15 7.16 -24.09
CA VAL A 145 -10.10 6.02 -23.93
C VAL A 145 -11.03 5.97 -25.16
N GLU A 146 -11.29 7.09 -25.84
CA GLU A 146 -12.17 7.19 -27.04
C GLU A 146 -11.79 6.07 -28.01
N ASP A 147 -10.50 5.90 -28.36
CA ASP A 147 -10.01 4.90 -29.36
C ASP A 147 -8.78 4.18 -28.82
N MET A 148 -8.58 4.16 -27.50
CA MET A 148 -7.32 3.70 -26.86
C MET A 148 -6.09 4.05 -27.72
N ARG A 149 -6.03 5.23 -28.34
CA ARG A 149 -4.79 5.74 -29.00
C ARG A 149 -3.69 5.96 -27.97
N HIS A 150 -2.48 5.55 -28.36
CA HIS A 150 -1.22 5.67 -27.59
C HIS A 150 -0.80 7.14 -27.56
N LEU A 151 -0.61 7.66 -26.34
CA LEU A 151 -0.20 9.06 -26.09
C LEU A 151 1.32 9.11 -25.83
N TYR A 152 1.83 8.34 -24.86
CA TYR A 152 3.26 8.25 -24.50
C TYR A 152 3.44 7.00 -23.63
N THR A 153 4.62 6.40 -23.74
CA THR A 153 5.17 5.42 -22.78
C THR A 153 6.51 5.96 -22.26
N PHE A 154 6.69 5.95 -20.95
CA PHE A 154 7.99 6.06 -20.24
C PHE A 154 8.44 4.63 -19.89
N ARG A 155 9.55 4.19 -20.48
CA ARG A 155 10.17 2.90 -20.10
C ARG A 155 11.06 3.22 -18.90
N VAL A 156 10.81 2.57 -17.76
CA VAL A 156 11.58 2.87 -16.53
C VAL A 156 11.90 1.57 -15.79
N ASN A 157 13.13 1.44 -15.33
CA ASN A 157 13.48 0.35 -14.40
C ASN A 157 13.18 0.82 -12.97
N PHE A 158 11.90 0.86 -12.61
CA PHE A 158 11.41 1.20 -11.25
C PHE A 158 12.09 0.30 -10.22
N GLN A 159 12.67 0.93 -9.20
CA GLN A 159 13.56 0.29 -8.20
C GLN A 159 12.99 0.56 -6.80
N GLU A 160 11.89 1.31 -6.70
CA GLU A 160 11.11 1.46 -5.43
C GLU A 160 9.61 1.45 -5.75
N ARG A 161 8.78 1.64 -4.74
CA ARG A 161 7.31 1.61 -4.92
C ARG A 161 6.88 2.79 -5.80
N VAL A 162 5.86 2.56 -6.61
CA VAL A 162 5.38 3.53 -7.62
C VAL A 162 3.93 3.92 -7.31
N PHE A 163 3.66 5.22 -7.18
CA PHE A 163 2.39 5.79 -6.68
C PHE A 163 1.72 6.61 -7.79
N PRO A 164 0.41 6.43 -8.04
CA PRO A 164 -0.32 7.37 -8.89
C PRO A 164 -0.16 8.79 -8.36
N LEU A 165 0.08 9.75 -9.25
CA LEU A 165 0.37 11.18 -8.97
C LEU A 165 -0.63 12.09 -9.71
N PHE A 166 -1.00 13.20 -9.05
CA PHE A 166 -1.89 14.27 -9.56
C PHE A 166 -1.40 15.63 -9.05
N SER A 167 -1.39 16.57 -9.97
CA SER A 167 -1.04 17.98 -9.72
C SER A 167 -2.05 18.84 -10.47
N VAL A 168 -2.61 19.82 -9.79
CA VAL A 168 -3.38 20.92 -10.43
C VAL A 168 -2.80 22.24 -9.92
N CYS A 169 -2.27 23.09 -10.80
CA CYS A 169 -1.53 24.34 -10.43
C CYS A 169 -2.26 25.56 -10.99
N SER A 170 -3.50 25.38 -11.47
CA SER A 170 -4.46 26.47 -11.81
C SER A 170 -5.84 26.14 -11.27
N THR A 171 -6.52 27.17 -10.77
CA THR A 171 -7.99 27.16 -10.58
C THR A 171 -8.58 26.98 -11.98
N GLY A 172 -9.86 26.67 -12.07
CA GLY A 172 -10.55 26.49 -13.37
C GLY A 172 -10.40 25.10 -13.98
N THR A 173 -9.60 24.19 -13.43
CA THR A 173 -9.46 22.83 -14.02
C THR A 173 -9.45 21.76 -12.92
N TYR A 174 -9.50 20.50 -13.34
CA TYR A 174 -9.66 19.32 -12.45
C TYR A 174 -9.07 18.04 -13.05
N LEU A 175 -8.89 17.07 -12.14
CA LEU A 175 -8.57 15.66 -12.40
C LEU A 175 -9.53 14.77 -11.60
N ARG A 176 -10.13 13.75 -12.23
CA ARG A 176 -11.02 12.80 -11.52
C ARG A 176 -10.57 11.36 -11.86
N ILE A 177 -10.29 10.59 -10.82
CA ILE A 177 -9.97 9.14 -10.85
C ILE A 177 -11.22 8.32 -11.21
N TRP A 178 -11.06 7.33 -12.09
CA TRP A 178 -12.04 6.24 -12.32
C TRP A 178 -11.30 4.91 -12.28
N PRO A 179 -11.91 3.80 -11.82
CA PRO A 179 -13.23 3.81 -11.15
C PRO A 179 -13.17 4.32 -9.70
N GLY B 5 4.13 25.56 -12.91
CA GLY B 5 4.90 26.54 -12.05
C GLY B 5 5.14 25.98 -10.66
N LEU B 6 4.07 25.53 -10.00
CA LEU B 6 4.14 24.75 -8.72
C LEU B 6 3.75 23.30 -9.01
N GLN B 7 3.81 22.89 -10.28
CA GLN B 7 3.41 21.52 -10.70
C GLN B 7 4.29 20.52 -9.95
N HIS C 7 14.05 -0.36 25.14
CA HIS C 7 12.62 -0.62 24.79
C HIS C 7 12.22 -2.08 25.13
N HIS C 8 11.70 -2.32 26.33
CA HIS C 8 11.15 -3.64 26.78
C HIS C 8 10.20 -4.16 25.69
N MET C 9 10.33 -5.42 25.27
CA MET C 9 9.44 -6.12 24.30
C MET C 9 9.30 -7.59 24.69
N VAL C 10 8.16 -8.22 24.41
CA VAL C 10 8.00 -9.69 24.63
C VAL C 10 8.95 -10.46 23.70
N GLU C 11 9.55 -11.51 24.26
CA GLU C 11 10.28 -12.59 23.54
C GLU C 11 9.21 -13.57 23.05
N LEU C 12 9.02 -13.65 21.74
CA LEU C 12 8.05 -14.62 21.16
C LEU C 12 8.82 -15.66 20.37
N THR C 13 8.27 -16.87 20.33
CA THR C 13 8.74 -17.98 19.48
C THR C 13 7.51 -18.51 18.73
N LEU C 14 7.69 -18.92 17.46
CA LEU C 14 6.69 -19.65 16.66
C LEU C 14 6.38 -20.99 17.36
N ASP C 15 5.11 -21.40 17.34
CA ASP C 15 4.61 -22.66 17.94
C ASP C 15 4.57 -23.70 16.84
N PRO C 16 5.55 -24.62 16.81
CA PRO C 16 5.61 -25.61 15.73
C PRO C 16 4.34 -26.45 15.69
N ASP C 17 3.73 -26.72 16.85
CA ASP C 17 2.43 -27.45 17.00
C ASP C 17 1.32 -26.78 16.19
N THR C 18 1.43 -25.47 15.88
CA THR C 18 0.37 -24.69 15.18
C THR C 18 0.64 -24.63 13.68
N ALA C 19 1.91 -24.52 13.31
CA ALA C 19 2.40 -24.30 11.94
C ALA C 19 1.73 -25.26 10.95
N ASN C 20 1.20 -24.74 9.84
CA ASN C 20 0.88 -25.49 8.61
C ASN C 20 2.12 -26.29 8.17
N PRO C 21 1.97 -27.57 7.76
CA PRO C 21 3.13 -28.38 7.41
C PRO C 21 3.99 -27.91 6.23
N ARG C 22 3.50 -27.01 5.36
CA ARG C 22 4.33 -26.46 4.24
C ARG C 22 5.20 -25.27 4.74
N LEU C 23 4.84 -24.58 5.83
CA LEU C 23 5.71 -23.48 6.34
C LEU C 23 7.06 -24.08 6.78
N ILE C 24 8.13 -23.30 6.70
CA ILE C 24 9.50 -23.66 7.19
C ILE C 24 9.88 -22.73 8.33
N LEU C 25 10.14 -23.26 9.53
CA LEU C 25 10.48 -22.42 10.70
C LEU C 25 11.98 -22.43 10.89
N SER C 26 12.56 -21.29 11.25
CA SER C 26 13.98 -21.18 11.61
C SER C 26 14.16 -21.92 12.93
N LEU C 27 15.34 -22.50 13.16
CA LEU C 27 15.73 -23.18 14.40
C LEU C 27 15.49 -22.29 15.63
N ASP C 28 15.66 -20.95 15.50
CA ASP C 28 15.56 -20.00 16.66
C ASP C 28 14.07 -19.73 16.95
N LEU C 29 13.19 -20.20 16.08
CA LEU C 29 11.71 -20.09 16.10
C LEU C 29 11.27 -18.62 15.98
N LYS C 30 12.02 -17.81 15.24
CA LYS C 30 11.65 -16.40 14.99
C LYS C 30 11.13 -16.22 13.56
N GLY C 31 11.61 -17.04 12.63
CA GLY C 31 11.55 -16.82 11.19
C GLY C 31 10.73 -17.89 10.53
N VAL C 32 9.99 -17.53 9.49
CA VAL C 32 9.07 -18.43 8.73
C VAL C 32 9.07 -18.05 7.24
N ARG C 33 9.25 -19.04 6.35
CA ARG C 33 9.01 -18.92 4.89
C ARG C 33 8.02 -20.03 4.51
N LEU C 34 7.49 -20.02 3.31
CA LEU C 34 6.65 -21.14 2.81
C LEU C 34 7.55 -22.08 2.01
N GLY C 35 7.46 -23.39 2.29
CA GLY C 35 8.15 -24.45 1.54
C GLY C 35 7.33 -24.89 0.33
N GLU C 36 7.96 -25.65 -0.59
CA GLU C 36 7.34 -26.14 -1.84
C GLU C 36 6.58 -27.45 -1.52
N ARG C 37 6.87 -28.06 -0.37
CA ARG C 37 6.40 -29.42 0.00
C ARG C 37 6.01 -29.42 1.48
N ALA C 38 4.93 -30.14 1.81
CA ALA C 38 4.46 -30.42 3.18
C ALA C 38 5.50 -31.32 3.87
N GLN C 39 6.09 -30.88 5.01
CA GLN C 39 6.67 -31.84 5.99
C GLN C 39 5.56 -32.82 6.35
N ASP C 40 5.89 -34.05 6.78
CA ASP C 40 4.90 -35.03 7.29
C ASP C 40 4.90 -34.89 8.81
N LEU C 41 3.95 -34.14 9.34
CA LEU C 41 3.89 -33.76 10.78
C LEU C 41 2.61 -34.30 11.39
N PRO C 42 2.60 -34.52 12.71
CA PRO C 42 1.39 -35.03 13.37
C PRO C 42 0.31 -33.96 13.32
N ASN C 43 -0.80 -34.20 12.61
CA ASN C 43 -1.90 -33.20 12.49
C ASN C 43 -2.53 -33.06 13.88
N HIS C 44 -2.16 -32.03 14.64
CA HIS C 44 -2.65 -31.84 16.03
C HIS C 44 -3.79 -30.83 16.06
N PRO C 45 -4.64 -30.86 17.11
CA PRO C 45 -5.88 -30.08 17.10
C PRO C 45 -5.54 -28.58 16.93
N CYS C 46 -4.34 -28.20 17.35
CA CYS C 46 -3.83 -26.81 17.27
C CYS C 46 -3.26 -26.46 15.89
N ARG C 47 -3.08 -27.41 14.97
CA ARG C 47 -2.35 -27.16 13.69
C ARG C 47 -3.31 -26.61 12.65
N PHE C 48 -2.96 -25.49 12.01
CA PHE C 48 -3.63 -25.01 10.77
C PHE C 48 -3.33 -26.02 9.66
N ASP C 49 -4.30 -26.83 9.23
CA ASP C 49 -4.03 -27.90 8.26
C ASP C 49 -4.12 -27.37 6.84
N THR C 50 -4.63 -26.15 6.59
CA THR C 50 -4.97 -25.72 5.21
C THR C 50 -4.45 -24.32 4.90
N ASN C 51 -4.88 -23.33 5.66
CA ASN C 51 -4.35 -21.94 5.57
C ASN C 51 -2.91 -21.95 6.07
N THR C 52 -2.02 -21.22 5.39
CA THR C 52 -0.54 -21.25 5.59
C THR C 52 -0.15 -20.41 6.80
N ARG C 53 -0.52 -20.85 7.99
CA ARG C 53 -0.59 -20.01 9.22
C ARG C 53 0.24 -20.62 10.34
N VAL C 54 0.69 -19.79 11.27
CA VAL C 54 1.37 -20.22 12.52
C VAL C 54 1.21 -19.12 13.56
N LEU C 55 1.08 -19.51 14.83
CA LEU C 55 0.99 -18.59 15.98
C LEU C 55 2.31 -18.62 16.75
N ALA C 56 2.51 -17.63 17.64
CA ALA C 56 3.44 -17.74 18.77
C ALA C 56 2.89 -18.77 19.76
N SER C 57 3.77 -19.35 20.57
CA SER C 57 3.46 -20.33 21.63
C SER C 57 2.75 -19.64 22.80
N CYS C 58 2.94 -18.33 22.90
CA CYS C 58 2.49 -17.49 24.02
C CYS C 58 1.56 -16.40 23.46
N GLY C 59 0.35 -16.33 24.01
CA GLY C 59 -0.71 -15.33 23.73
C GLY C 59 -1.09 -14.57 24.99
N PHE C 60 -1.94 -13.55 24.88
CA PHE C 60 -2.16 -12.53 25.95
C PHE C 60 -3.65 -12.31 26.22
N SER C 61 -3.96 -12.02 27.49
CA SER C 61 -5.31 -11.88 28.09
C SER C 61 -5.55 -10.45 28.58
N SER C 62 -4.50 -9.76 29.01
CA SER C 62 -4.54 -8.41 29.61
C SER C 62 -3.22 -7.71 29.38
N GLY C 63 -3.17 -6.40 29.63
CA GLY C 63 -1.92 -5.63 29.64
C GLY C 63 -1.64 -5.05 28.27
N ARG C 64 -0.44 -4.49 28.13
CA ARG C 64 0.12 -3.92 26.88
C ARG C 64 1.39 -4.71 26.50
N HIS C 65 1.52 -5.10 25.24
CA HIS C 65 2.64 -5.92 24.72
C HIS C 65 3.11 -5.35 23.38
N HIS C 66 4.42 -5.29 23.19
CA HIS C 66 5.08 -4.84 21.94
C HIS C 66 6.01 -5.96 21.44
N TRP C 67 5.94 -6.27 20.15
CA TRP C 67 7.00 -7.03 19.44
C TRP C 67 7.18 -6.39 18.07
N GLU C 68 8.18 -6.82 17.30
CA GLU C 68 8.40 -6.32 15.92
C GLU C 68 8.49 -7.52 14.99
N VAL C 69 8.18 -7.27 13.72
CA VAL C 69 8.18 -8.27 12.62
C VAL C 69 8.93 -7.62 11.46
N GLU C 70 10.05 -8.22 11.11
CA GLU C 70 10.78 -7.90 9.86
C GLU C 70 10.05 -8.63 8.74
N VAL C 71 9.84 -7.95 7.61
CA VAL C 71 8.98 -8.42 6.50
C VAL C 71 9.80 -8.48 5.20
N GLY C 72 9.65 -9.55 4.42
CA GLY C 72 10.23 -9.63 3.07
C GLY C 72 9.60 -8.59 2.16
N SER C 73 10.21 -8.30 1.02
CA SER C 73 9.67 -7.23 0.14
C SER C 73 8.90 -7.86 -1.03
N LYS C 74 8.83 -9.19 -1.11
CA LYS C 74 7.99 -9.88 -2.12
C LYS C 74 6.64 -10.20 -1.46
N ASP C 75 5.59 -10.30 -2.29
CA ASP C 75 4.18 -10.55 -1.91
C ASP C 75 4.05 -11.89 -1.15
N GLY C 76 3.05 -12.00 -0.26
CA GLY C 76 2.61 -13.31 0.27
C GLY C 76 2.53 -13.41 1.79
N TRP C 77 3.07 -12.44 2.54
CA TRP C 77 2.94 -12.45 4.02
C TRP C 77 1.65 -11.78 4.48
N ALA C 78 1.17 -12.21 5.64
CA ALA C 78 0.24 -11.46 6.51
C ALA C 78 0.66 -11.71 7.96
N PHE C 79 0.43 -10.72 8.82
CA PHE C 79 0.71 -10.83 10.28
C PHE C 79 -0.03 -9.77 11.09
N GLY C 80 -0.17 -10.09 12.38
CA GLY C 80 -0.90 -9.33 13.40
C GLY C 80 -1.22 -10.27 14.54
N VAL C 81 -2.51 -10.45 14.84
CA VAL C 81 -2.97 -11.23 16.03
C VAL C 81 -4.21 -12.03 15.68
N ALA C 82 -4.49 -13.04 16.50
CA ALA C 82 -5.59 -14.01 16.28
C ALA C 82 -6.23 -14.37 17.61
N ARG C 83 -7.56 -14.27 17.71
CA ARG C 83 -8.24 -14.82 18.90
C ARG C 83 -7.89 -16.31 18.89
N GLU C 84 -7.56 -16.85 20.06
CA GLU C 84 -7.25 -18.27 20.31
C GLU C 84 -8.22 -19.23 19.60
N SER C 85 -9.49 -18.92 19.50
CA SER C 85 -10.51 -19.80 18.89
C SER C 85 -10.51 -19.63 17.37
N VAL C 86 -9.54 -18.94 16.78
CA VAL C 86 -9.47 -18.89 15.29
C VAL C 86 -9.53 -20.37 14.83
N ARG C 87 -10.22 -20.66 13.74
CA ARG C 87 -10.43 -22.06 13.27
C ARG C 87 -9.13 -22.54 12.62
N ARG C 88 -8.70 -23.75 12.98
CA ARG C 88 -7.42 -24.37 12.54
C ARG C 88 -7.63 -25.28 11.33
N LYS C 89 -8.84 -25.83 11.13
CA LYS C 89 -9.08 -27.01 10.25
C LYS C 89 -9.89 -26.60 9.01
N GLY C 90 -9.45 -27.04 7.83
CA GLY C 90 -10.08 -26.65 6.55
C GLY C 90 -9.72 -25.24 6.09
N LEU C 91 -10.16 -24.93 4.88
CA LEU C 91 -10.01 -23.59 4.27
C LEU C 91 -10.91 -22.65 5.06
N THR C 92 -10.36 -21.53 5.53
CA THR C 92 -11.10 -20.51 6.34
C THR C 92 -10.83 -19.13 5.74
N PRO C 93 -11.80 -18.20 5.70
CA PRO C 93 -11.51 -16.84 5.27
C PRO C 93 -10.54 -16.21 6.26
N PHE C 94 -9.76 -15.27 5.75
CA PHE C 94 -8.74 -14.54 6.52
C PHE C 94 -9.33 -13.16 6.68
N THR C 95 -10.14 -12.99 7.71
CA THR C 95 -11.01 -11.81 7.90
C THR C 95 -11.14 -11.51 9.41
N PRO C 96 -11.41 -10.25 9.82
CA PRO C 96 -11.75 -9.95 11.21
C PRO C 96 -12.84 -10.87 11.79
N GLU C 97 -13.82 -11.28 11.00
CA GLU C 97 -14.94 -12.11 11.51
C GLU C 97 -14.39 -13.44 12.05
N GLU C 98 -13.28 -13.94 11.49
CA GLU C 98 -12.68 -15.25 11.86
C GLU C 98 -11.68 -15.07 13.00
N GLY C 99 -11.58 -13.85 13.52
CA GLY C 99 -10.74 -13.50 14.67
C GLY C 99 -9.30 -13.30 14.25
N VAL C 100 -9.09 -12.71 13.08
CA VAL C 100 -7.77 -12.33 12.51
C VAL C 100 -7.73 -10.82 12.28
N TRP C 101 -6.73 -10.15 12.85
CA TRP C 101 -6.48 -8.69 12.73
C TRP C 101 -5.02 -8.51 12.27
N ALA C 102 -4.83 -8.19 10.99
CA ALA C 102 -3.55 -8.40 10.29
C ALA C 102 -3.32 -7.34 9.19
N LEU C 103 -2.04 -7.08 8.94
CA LEU C 103 -1.54 -6.42 7.71
C LEU C 103 -1.09 -7.53 6.76
N GLN C 104 -0.89 -7.15 5.49
CA GLN C 104 -0.62 -8.11 4.39
C GLN C 104 0.05 -7.37 3.24
N LEU C 105 0.88 -8.08 2.48
CA LEU C 105 1.44 -7.59 1.19
C LEU C 105 1.02 -8.55 0.09
N ASN C 106 0.37 -8.00 -0.93
CA ASN C 106 -0.42 -8.81 -1.88
C ASN C 106 -0.80 -7.94 -3.10
N GLY C 107 -0.44 -8.38 -4.30
CA GLY C 107 -0.72 -7.66 -5.56
C GLY C 107 0.05 -6.35 -5.63
N GLY C 108 1.24 -6.33 -5.04
CA GLY C 108 2.13 -5.17 -4.96
C GLY C 108 1.68 -4.16 -3.91
N GLN C 109 0.58 -4.41 -3.19
CA GLN C 109 -0.05 -3.36 -2.36
C GLN C 109 0.04 -3.80 -0.92
N TYR C 110 0.28 -2.84 -0.04
CA TYR C 110 0.16 -3.04 1.43
C TYR C 110 -1.31 -2.83 1.86
N TRP C 111 -1.81 -3.71 2.73
CA TRP C 111 -3.22 -3.74 3.21
C TRP C 111 -3.24 -3.87 4.72
N ALA C 112 -4.20 -3.23 5.34
CA ALA C 112 -4.87 -3.75 6.54
C ALA C 112 -6.05 -4.65 6.09
N VAL C 113 -6.08 -5.89 6.57
CA VAL C 113 -7.10 -6.89 6.18
C VAL C 113 -8.38 -6.62 6.97
N THR C 114 -9.10 -5.59 6.51
CA THR C 114 -10.48 -5.22 6.89
C THR C 114 -11.42 -6.04 6.02
N SER C 115 -12.69 -6.19 6.43
CA SER C 115 -13.76 -6.88 5.67
C SER C 115 -14.96 -5.95 5.54
N PRO C 116 -15.68 -5.97 4.39
CA PRO C 116 -15.52 -7.00 3.36
C PRO C 116 -14.36 -6.77 2.39
N GLU C 117 -13.94 -5.50 2.23
CA GLU C 117 -12.83 -5.10 1.34
C GLU C 117 -11.65 -4.66 2.21
N ARG C 118 -10.43 -4.87 1.74
CA ARG C 118 -9.18 -4.58 2.48
C ARG C 118 -8.88 -3.10 2.34
N SER C 119 -8.35 -2.45 3.38
CA SER C 119 -8.02 -0.99 3.38
C SER C 119 -6.56 -0.81 3.01
N PRO C 120 -6.23 -0.07 1.93
CA PRO C 120 -4.84 0.05 1.51
C PRO C 120 -4.05 0.87 2.55
N LEU C 121 -2.79 0.53 2.80
CA LEU C 121 -1.89 1.34 3.68
C LEU C 121 -1.18 2.43 2.84
N SER C 122 -1.30 3.66 3.31
CA SER C 122 -0.53 4.85 2.85
C SER C 122 0.76 4.91 3.67
N CYS C 123 1.83 4.34 3.13
CA CYS C 123 3.13 4.20 3.84
C CYS C 123 4.24 4.12 2.80
N GLY C 124 5.49 3.96 3.25
CA GLY C 124 6.65 3.66 2.41
C GLY C 124 6.92 2.18 2.40
N HIS C 125 7.98 1.77 1.72
CA HIS C 125 8.60 0.43 1.79
C HIS C 125 8.72 -0.01 3.25
N LEU C 126 8.08 -1.10 3.64
CA LEU C 126 8.12 -1.64 5.02
C LEU C 126 9.26 -2.67 5.16
N SER C 127 10.23 -2.35 6.02
CA SER C 127 11.37 -3.24 6.40
CA SER C 127 11.35 -3.25 6.39
C SER C 127 10.98 -4.03 7.65
N ARG C 128 10.57 -3.32 8.69
CA ARG C 128 10.18 -3.88 10.01
C ARG C 128 9.05 -3.03 10.58
N VAL C 129 8.14 -3.67 11.30
CA VAL C 129 6.90 -3.08 11.86
C VAL C 129 6.80 -3.46 13.34
N ARG C 130 6.43 -2.48 14.17
CA ARG C 130 6.21 -2.69 15.61
C ARG C 130 4.72 -2.85 15.83
N VAL C 131 4.34 -3.95 16.49
CA VAL C 131 2.93 -4.26 16.83
C VAL C 131 2.71 -3.84 18.28
N ALA C 132 1.73 -2.96 18.55
CA ALA C 132 1.32 -2.55 19.92
C ALA C 132 -0.04 -3.19 20.20
N LEU C 133 -0.07 -4.18 21.07
CA LEU C 133 -1.32 -4.83 21.52
C LEU C 133 -1.73 -4.17 22.83
N ASP C 134 -2.98 -3.70 22.93
CA ASP C 134 -3.56 -3.09 24.16
C ASP C 134 -4.88 -3.80 24.48
N LEU C 135 -4.84 -4.75 25.43
CA LEU C 135 -6.01 -5.54 25.92
C LEU C 135 -6.76 -4.79 27.02
N GLU C 136 -6.18 -3.73 27.57
CA GLU C 136 -6.88 -2.85 28.54
C GLU C 136 -7.94 -2.04 27.80
N VAL C 137 -7.58 -1.39 26.70
CA VAL C 137 -8.46 -0.44 25.97
C VAL C 137 -9.18 -1.23 24.87
N GLY C 138 -8.55 -2.31 24.38
CA GLY C 138 -9.07 -3.12 23.26
C GLY C 138 -8.60 -2.60 21.91
N ALA C 139 -7.32 -2.76 21.59
CA ALA C 139 -6.73 -2.24 20.33
C ALA C 139 -5.45 -3.01 19.96
N VAL C 140 -5.18 -3.09 18.66
CA VAL C 140 -3.86 -3.58 18.14
C VAL C 140 -3.45 -2.63 17.02
N SER C 141 -2.26 -2.05 17.15
CA SER C 141 -1.78 -0.95 16.27
C SER C 141 -0.45 -1.37 15.64
N PHE C 142 -0.12 -0.74 14.51
CA PHE C 142 1.05 -1.13 13.68
C PHE C 142 1.76 0.15 13.27
N TYR C 143 3.09 0.21 13.43
CA TYR C 143 3.96 1.39 13.19
C TYR C 143 5.16 0.96 12.33
N ALA C 144 5.45 1.70 11.26
CA ALA C 144 6.73 1.60 10.53
C ALA C 144 7.85 2.12 11.43
N VAL C 145 8.81 1.26 11.82
CA VAL C 145 9.84 1.57 12.86
C VAL C 145 10.73 2.75 12.45
N GLU C 146 11.03 2.95 11.17
CA GLU C 146 11.98 3.99 10.67
C GLU C 146 11.61 5.36 11.28
N ASP C 147 10.32 5.75 11.28
CA ASP C 147 9.80 7.05 11.81
C ASP C 147 8.59 6.87 12.75
N MET C 148 8.35 5.63 13.23
CA MET C 148 7.13 5.23 13.97
C MET C 148 5.88 5.89 13.40
N ARG C 149 5.78 5.97 12.07
CA ARG C 149 4.54 6.30 11.35
C ARG C 149 3.49 5.22 11.69
N HIS C 150 2.30 5.66 12.06
CA HIS C 150 1.13 4.81 12.29
C HIS C 150 0.75 4.22 10.92
N LEU C 151 0.51 2.92 10.87
CA LEU C 151 0.05 2.23 9.66
C LEU C 151 -1.45 1.96 9.79
N TYR C 152 -1.89 1.32 10.88
CA TYR C 152 -3.31 0.96 11.13
C TYR C 152 -3.55 0.63 12.60
N THR C 153 -4.77 0.88 13.07
CA THR C 153 -5.30 0.41 14.37
C THR C 153 -6.62 -0.35 14.15
N PHE C 154 -6.73 -1.59 14.62
CA PHE C 154 -8.04 -2.27 14.79
C PHE C 154 -8.52 -2.03 16.22
N ARG C 155 -9.74 -1.51 16.43
CA ARG C 155 -10.29 -1.35 17.79
C ARG C 155 -11.18 -2.57 18.00
N VAL C 156 -10.87 -3.40 18.99
CA VAL C 156 -11.64 -4.66 19.18
C VAL C 156 -11.92 -4.86 20.65
N ASN C 157 -13.11 -5.35 20.94
CA ASN C 157 -13.43 -5.80 22.31
C ASN C 157 -13.00 -7.26 22.42
N PHE C 158 -11.72 -7.49 22.66
CA PHE C 158 -11.17 -8.85 22.80
C PHE C 158 -11.88 -9.50 23.99
N GLN C 159 -12.42 -10.70 23.76
CA GLN C 159 -13.13 -11.50 24.78
C GLN C 159 -12.28 -12.75 25.12
N GLU C 160 -11.17 -13.01 24.44
CA GLU C 160 -10.34 -14.21 24.75
C GLU C 160 -8.86 -13.88 24.60
N ARG C 161 -8.04 -14.82 25.05
CA ARG C 161 -6.57 -14.87 24.83
C ARG C 161 -6.27 -14.57 23.35
N VAL C 162 -5.37 -13.62 23.09
CA VAL C 162 -5.00 -13.18 21.71
C VAL C 162 -3.54 -13.55 21.45
N PHE C 163 -3.24 -14.05 20.25
CA PHE C 163 -1.93 -14.67 19.89
C PHE C 163 -1.33 -13.90 18.72
N PRO C 164 -0.03 -13.57 18.75
CA PRO C 164 0.69 -13.23 17.52
C PRO C 164 0.44 -14.28 16.42
N LEU C 165 0.24 -13.80 15.19
CA LEU C 165 -0.24 -14.58 14.02
C LEU C 165 0.62 -14.25 12.81
N PHE C 166 1.01 -15.28 12.09
CA PHE C 166 1.85 -15.18 10.87
C PHE C 166 1.31 -16.14 9.83
N SER C 167 1.22 -15.63 8.61
CA SER C 167 0.76 -16.38 7.44
C SER C 167 1.73 -16.03 6.32
N VAL C 168 2.32 -17.06 5.70
CA VAL C 168 3.12 -16.87 4.47
C VAL C 168 2.56 -17.80 3.39
N CYS C 169 1.90 -17.25 2.36
CA CYS C 169 1.20 -18.05 1.34
C CYS C 169 1.94 -17.98 -0.01
N SER C 170 3.22 -17.52 -0.04
CA SER C 170 4.11 -17.70 -1.24
C SER C 170 5.57 -17.94 -0.88
N THR C 171 6.27 -18.64 -1.77
CA THR C 171 7.74 -18.83 -1.70
C THR C 171 8.37 -17.47 -2.00
N GLY C 172 9.62 -17.24 -1.57
CA GLY C 172 10.39 -16.04 -1.90
C GLY C 172 9.99 -14.81 -1.11
N THR C 173 9.42 -15.00 0.08
CA THR C 173 9.18 -13.93 1.09
C THR C 173 9.28 -14.58 2.48
N TYR C 174 9.20 -13.76 3.53
CA TYR C 174 9.47 -14.21 4.92
C TYR C 174 8.92 -13.19 5.93
N LEU C 175 8.76 -13.68 7.16
CA LEU C 175 8.55 -12.87 8.38
C LEU C 175 9.58 -13.32 9.42
N ARG C 176 10.05 -12.40 10.26
CA ARG C 176 10.99 -12.68 11.37
C ARG C 176 10.63 -11.83 12.60
N ILE C 177 10.30 -12.53 13.70
CA ILE C 177 10.03 -11.94 15.03
C ILE C 177 11.30 -11.23 15.52
N TRP C 178 11.16 -10.02 16.06
CA TRP C 178 12.15 -9.32 16.92
C TRP C 178 11.41 -8.82 18.14
N PRO C 179 12.05 -8.78 19.33
CA PRO C 179 13.42 -9.28 19.47
C PRO C 179 13.36 -10.82 19.55
N PHE D 4 -2.98 -16.69 -2.61
CA PHE D 4 -3.90 -15.70 -1.98
C PHE D 4 -4.86 -16.42 -1.01
N GLY D 5 -5.68 -17.35 -1.52
CA GLY D 5 -6.77 -18.04 -0.82
C GLY D 5 -6.31 -18.81 0.42
N LEU D 6 -5.03 -19.15 0.53
CA LEU D 6 -4.46 -19.98 1.62
C LEU D 6 -3.92 -19.11 2.77
N GLN D 7 -3.87 -17.78 2.60
CA GLN D 7 -3.44 -16.84 3.66
C GLN D 7 -4.15 -17.16 4.99
#